data_8YBL
#
_entry.id   8YBL
#
_cell.length_a   57.570
_cell.length_b   83.751
_cell.length_c   86.972
_cell.angle_alpha   90.00
_cell.angle_beta   90.00
_cell.angle_gamma   90.00
#
_symmetry.space_group_name_H-M   'P 21 21 21'
#
loop_
_entity.id
_entity.type
_entity.pdbx_description
1 polymer 'Enterotoxin type B'
2 polymer 'nanobody SEB-Nb3'
3 water water
#
loop_
_entity_poly.entity_id
_entity_poly.type
_entity_poly.pdbx_seq_one_letter_code
_entity_poly.pdbx_strand_id
1 'polypeptide(L)'
;MESQPDPKPDELHKSSKFTGLMENMKVLYDDNHVSAINVKSIDQFLYFDLIYSIKDTKLGNYDNVRVEFKNKDLADKYKD
KYVDVFGANYYYQCYFSKKTNDINSHQTDKRKTCMYGGVTEHNGNQLDKYRSITVRVFEDGKNLLSFDVQTNKKKVTAQE
LDYLTRHYLVKNKKLYEFNNSPYETGYIKFIENENSFWYDMMPAPGDKFDQSKYLMMYNDNKMVDSKDVKIEVYLTTKKK
;
A
2 'polypeptide(L)'
;QVQLVESGGGSVQAGGSLRLSCAASGYTYSMYCMGWFRQAPGKEREGVAGICANGKAIHYVDSVKGRFTISQDNAKNTVY
LQMNSLKPEDTAMYYCAADSRGGIWYEQQLSTLRYNYWGQGTQVTVSS
;
B
#
# COMPACT_ATOMS: atom_id res chain seq x y z
N GLU A 2 28.93 16.77 -0.68
CA GLU A 2 28.60 17.96 0.13
C GLU A 2 27.10 18.01 0.42
N SER A 3 26.67 19.06 1.12
CA SER A 3 25.30 19.22 1.55
C SER A 3 24.36 19.52 0.37
N GLN A 4 23.17 18.90 0.40
CA GLN A 4 22.09 19.28 -0.50
C GLN A 4 21.43 20.53 0.06
N PRO A 5 21.17 21.58 -0.75
CA PRO A 5 20.54 22.80 -0.25
C PRO A 5 19.07 22.57 0.13
N ASP A 6 18.60 23.36 1.11
CA ASP A 6 17.24 23.22 1.62
C ASP A 6 16.21 23.76 0.65
N PRO A 7 14.92 23.36 0.76
CA PRO A 7 13.90 23.75 -0.21
C PRO A 7 13.81 25.26 -0.44
N LYS A 8 13.86 25.67 -1.72
CA LYS A 8 13.71 27.06 -2.08
C LYS A 8 12.23 27.42 -1.96
N PRO A 9 11.86 28.72 -2.00
CA PRO A 9 10.45 29.11 -1.99
C PRO A 9 9.66 28.44 -3.11
N ASP A 10 8.48 27.90 -2.75
CA ASP A 10 7.60 27.23 -3.70
C ASP A 10 8.22 26.04 -4.40
N GLU A 11 9.27 25.46 -3.81
CA GLU A 11 9.86 24.23 -4.33
C GLU A 11 9.04 23.03 -3.86
N LEU A 12 8.46 23.13 -2.65
CA LEU A 12 7.79 22.01 -2.02
C LEU A 12 6.39 21.80 -2.58
N HIS A 13 6.04 20.53 -2.79
CA HIS A 13 4.71 20.15 -3.23
C HIS A 13 3.65 20.57 -2.23
N LYS A 14 2.62 21.28 -2.71
CA LYS A 14 1.50 21.71 -1.90
C LYS A 14 0.34 20.71 -1.99
N SER A 15 -0.13 20.23 -0.84
CA SER A 15 -1.15 19.20 -0.78
C SER A 15 -2.52 19.69 -1.25
N SER A 16 -2.74 21.01 -1.15
CA SER A 16 -3.94 21.62 -1.69
C SER A 16 -3.97 21.64 -3.21
N LYS A 17 -2.81 21.49 -3.86
CA LYS A 17 -2.73 21.42 -5.31
C LYS A 17 -2.78 19.97 -5.81
N PHE A 18 -2.80 19.01 -4.88
CA PHE A 18 -3.09 17.64 -5.22
C PHE A 18 -4.59 17.38 -5.05
N THR A 19 -5.26 17.04 -6.16
CA THR A 19 -6.70 16.89 -6.17
C THR A 19 -7.14 15.43 -6.32
N GLY A 20 -6.20 14.51 -6.19
CA GLY A 20 -6.49 13.08 -6.20
C GLY A 20 -6.72 12.54 -4.80
N LEU A 21 -6.68 11.21 -4.66
CA LEU A 21 -6.88 10.57 -3.37
C LEU A 21 -5.54 10.34 -2.68
N MET A 22 -5.35 11.01 -1.54
CA MET A 22 -4.10 10.92 -0.79
C MET A 22 -3.95 9.53 -0.17
N GLU A 23 -5.06 8.78 -0.08
CA GLU A 23 -5.03 7.39 0.31
C GLU A 23 -3.86 6.61 -0.30
N ASN A 24 -3.64 6.79 -1.61
CA ASN A 24 -2.61 6.03 -2.32
C ASN A 24 -1.18 6.36 -1.88
N MET A 25 -0.99 7.54 -1.27
CA MET A 25 0.25 7.85 -0.59
C MET A 25 0.24 7.22 0.80
N LYS A 26 -0.87 7.42 1.53
CA LYS A 26 -1.00 6.93 2.89
C LYS A 26 -0.67 5.45 3.06
N VAL A 27 -1.21 4.63 2.15
CA VAL A 27 -1.09 3.18 2.27
C VAL A 27 0.33 2.66 2.04
N LEU A 28 1.22 3.54 1.56
CA LEU A 28 2.63 3.22 1.42
C LEU A 28 3.36 3.26 2.76
N TYR A 29 2.80 3.99 3.74
CA TYR A 29 3.43 4.12 5.04
C TYR A 29 2.54 3.63 6.20
N ASP A 30 1.38 3.06 5.88
CA ASP A 30 0.45 2.58 6.89
C ASP A 30 0.52 1.05 6.96
N ASP A 31 1.47 0.53 7.74
CA ASP A 31 1.66 -0.90 7.95
C ASP A 31 2.10 -1.68 6.71
N ASN A 32 2.51 -0.95 5.66
CA ASN A 32 2.88 -1.54 4.39
C ASN A 32 4.39 -1.54 4.20
N HIS A 33 5.06 -2.62 4.60
CA HIS A 33 6.49 -2.71 4.39
C HIS A 33 7.03 -4.13 4.26
N VAL A 34 8.12 -4.26 3.50
CA VAL A 34 8.87 -5.50 3.39
C VAL A 34 10.04 -5.45 4.37
N SER A 35 10.31 -6.59 5.01
CA SER A 35 11.38 -6.69 5.98
C SER A 35 11.91 -8.12 6.03
N ALA A 36 13.23 -8.27 5.86
CA ALA A 36 13.84 -9.59 5.95
C ALA A 36 15.30 -9.51 6.36
N ILE A 37 15.77 -10.59 7.01
CA ILE A 37 17.09 -10.63 7.61
C ILE A 37 17.96 -11.71 6.96
N ASN A 38 19.12 -11.29 6.46
CA ASN A 38 20.17 -12.21 6.02
C ASN A 38 19.68 -13.11 4.89
N VAL A 39 19.29 -12.49 3.77
CA VAL A 39 18.81 -13.21 2.60
C VAL A 39 19.66 -12.90 1.37
N LYS A 40 19.62 -13.82 0.40
CA LYS A 40 20.37 -13.71 -0.84
C LYS A 40 19.41 -13.85 -2.02
N SER A 41 19.65 -13.07 -3.08
CA SER A 41 18.78 -13.10 -4.25
C SER A 41 18.73 -14.50 -4.86
N ILE A 42 17.57 -14.87 -5.40
CA ILE A 42 17.36 -16.17 -6.02
C ILE A 42 17.23 -16.08 -7.54
N ASP A 43 17.02 -14.86 -8.04
CA ASP A 43 16.77 -14.65 -9.46
C ASP A 43 16.86 -13.17 -9.79
N GLN A 44 16.51 -12.83 -11.03
CA GLN A 44 16.60 -11.47 -11.54
C GLN A 44 15.72 -11.39 -12.77
N PHE A 45 14.95 -10.30 -12.89
CA PHE A 45 14.05 -10.11 -14.01
C PHE A 45 14.75 -9.23 -15.06
N LEU A 46 14.90 -7.94 -14.74
CA LEU A 46 15.62 -7.02 -15.59
C LEU A 46 16.97 -6.72 -14.93
N TYR A 47 17.85 -6.04 -15.67
CA TYR A 47 19.26 -5.94 -15.33
C TYR A 47 19.51 -5.09 -14.08
N PHE A 48 18.53 -4.26 -13.70
CA PHE A 48 18.67 -3.35 -12.58
C PHE A 48 17.89 -3.78 -11.34
N ASP A 49 17.42 -5.04 -11.32
CA ASP A 49 16.68 -5.54 -10.17
C ASP A 49 17.26 -6.84 -9.62
N LEU A 50 16.79 -7.21 -8.41
CA LEU A 50 17.05 -8.51 -7.83
C LEU A 50 15.75 -9.06 -7.25
N ILE A 51 15.59 -10.39 -7.26
CA ILE A 51 14.42 -11.02 -6.68
C ILE A 51 14.83 -11.85 -5.46
N TYR A 52 14.10 -11.64 -4.35
CA TYR A 52 14.30 -12.38 -3.11
C TYR A 52 13.08 -13.23 -2.77
N SER A 53 13.32 -14.41 -2.20
CA SER A 53 12.26 -15.22 -1.62
C SER A 53 11.99 -14.75 -0.20
N ILE A 54 10.97 -13.89 -0.04
CA ILE A 54 10.58 -13.34 1.24
C ILE A 54 9.08 -13.56 1.42
N LYS A 55 8.69 -14.27 2.49
CA LYS A 55 7.29 -14.60 2.69
C LYS A 55 6.60 -13.61 3.62
N ASP A 56 5.46 -13.08 3.16
CA ASP A 56 4.58 -12.30 4.01
C ASP A 56 3.87 -13.25 4.96
N THR A 57 4.44 -13.41 6.16
CA THR A 57 3.88 -14.33 7.15
C THR A 57 2.54 -13.81 7.66
N LYS A 58 2.45 -12.49 7.88
CA LYS A 58 1.23 -11.87 8.38
C LYS A 58 0.05 -12.06 7.43
N LEU A 59 0.14 -11.47 6.23
CA LEU A 59 -1.00 -11.34 5.34
C LEU A 59 -0.94 -12.19 4.07
N GLY A 60 0.22 -12.80 3.80
CA GLY A 60 0.38 -13.67 2.65
C GLY A 60 0.17 -13.00 1.29
N ASN A 61 0.54 -11.72 1.19
CA ASN A 61 0.39 -10.96 -0.04
C ASN A 61 1.56 -11.09 -1.01
N TYR A 62 2.65 -11.73 -0.57
CA TYR A 62 3.79 -11.94 -1.44
C TYR A 62 4.71 -13.07 -0.98
N ASP A 63 5.25 -13.79 -1.97
CA ASP A 63 6.26 -14.82 -1.75
C ASP A 63 7.61 -14.40 -2.31
N ASN A 64 7.57 -13.55 -3.34
CA ASN A 64 8.76 -13.03 -3.98
C ASN A 64 8.71 -11.50 -4.00
N VAL A 65 9.88 -10.88 -3.84
CA VAL A 65 9.99 -9.42 -3.85
C VAL A 65 10.98 -8.99 -4.91
N ARG A 66 10.54 -8.10 -5.81
CA ARG A 66 11.40 -7.51 -6.82
C ARG A 66 11.96 -6.19 -6.29
N VAL A 67 13.27 -6.18 -6.03
CA VAL A 67 13.95 -5.01 -5.52
C VAL A 67 14.63 -4.31 -6.69
N GLU A 68 14.24 -3.06 -6.93
CA GLU A 68 14.66 -2.32 -8.12
C GLU A 68 15.67 -1.24 -7.76
N PHE A 69 16.80 -1.22 -8.48
CA PHE A 69 17.85 -0.25 -8.25
C PHE A 69 17.95 0.79 -9.35
N LYS A 70 18.68 1.87 -9.05
CA LYS A 70 18.94 2.96 -9.97
C LYS A 70 19.74 2.52 -11.21
N ASN A 71 20.61 1.52 -11.05
CA ASN A 71 21.51 1.11 -12.11
C ASN A 71 21.92 -0.36 -12.00
N LYS A 72 22.66 -0.83 -13.01
CA LYS A 72 23.13 -2.19 -13.07
C LYS A 72 24.18 -2.49 -11.99
N ASP A 73 25.10 -1.55 -11.79
CA ASP A 73 26.17 -1.69 -10.81
C ASP A 73 25.63 -2.06 -9.42
N LEU A 74 24.58 -1.36 -8.99
CA LEU A 74 23.96 -1.62 -7.69
C LEU A 74 23.42 -3.05 -7.60
N ALA A 75 22.78 -3.52 -8.68
CA ALA A 75 22.28 -4.89 -8.71
C ALA A 75 23.41 -5.91 -8.69
N ASP A 76 24.40 -5.73 -9.57
CA ASP A 76 25.59 -6.56 -9.61
C ASP A 76 26.25 -6.63 -8.23
N LYS A 77 26.38 -5.48 -7.57
CA LYS A 77 26.97 -5.40 -6.25
C LYS A 77 26.30 -6.37 -5.28
N TYR A 78 24.96 -6.31 -5.18
CA TYR A 78 24.24 -7.05 -4.16
C TYR A 78 23.74 -8.43 -4.58
N LYS A 79 24.02 -8.82 -5.84
CA LYS A 79 23.51 -10.05 -6.41
C LYS A 79 23.75 -11.28 -5.53
N ASP A 80 25.02 -11.53 -5.18
CA ASP A 80 25.38 -12.71 -4.43
C ASP A 80 25.68 -12.46 -2.96
N LYS A 81 25.31 -11.28 -2.46
CA LYS A 81 25.56 -10.93 -1.07
C LYS A 81 24.36 -11.30 -0.18
N TYR A 82 24.65 -11.68 1.06
CA TYR A 82 23.62 -11.83 2.07
C TYR A 82 23.31 -10.44 2.60
N VAL A 83 22.03 -10.08 2.56
CA VAL A 83 21.59 -8.73 2.83
C VAL A 83 20.38 -8.71 3.77
N ASP A 84 20.10 -7.53 4.31
CA ASP A 84 18.84 -7.26 4.98
C ASP A 84 18.02 -6.36 4.06
N VAL A 85 16.70 -6.59 4.03
CA VAL A 85 15.83 -5.80 3.20
C VAL A 85 14.80 -5.09 4.06
N PHE A 86 14.64 -3.79 3.82
CA PHE A 86 13.63 -3.00 4.49
C PHE A 86 13.18 -1.89 3.56
N GLY A 87 11.89 -1.86 3.24
CA GLY A 87 11.34 -0.79 2.42
C GLY A 87 9.83 -0.85 2.21
N ALA A 88 9.29 0.25 1.65
CA ALA A 88 7.90 0.36 1.29
C ALA A 88 7.67 -0.21 -0.11
N ASN A 89 6.73 -1.15 -0.21
CA ASN A 89 6.50 -1.91 -1.43
C ASN A 89 5.23 -1.46 -2.13
N TYR A 90 5.05 -1.90 -3.38
CA TYR A 90 3.81 -1.67 -4.11
C TYR A 90 3.38 -2.90 -4.88
N TYR A 91 2.10 -2.91 -5.26
CA TYR A 91 1.49 -4.01 -5.99
C TYR A 91 0.92 -3.51 -7.31
N TYR A 92 0.17 -2.41 -7.22
CA TYR A 92 -0.40 -1.76 -8.38
C TYR A 92 0.69 -1.32 -9.35
N GLN A 93 0.69 -1.95 -10.54
CA GLN A 93 1.68 -1.71 -11.58
C GLN A 93 3.07 -2.22 -11.20
N CYS A 94 3.11 -3.23 -10.32
CA CYS A 94 4.33 -3.97 -10.07
C CYS A 94 4.62 -4.83 -11.30
N TYR A 95 5.68 -4.48 -12.04
CA TYR A 95 6.07 -5.18 -13.25
C TYR A 95 7.01 -6.33 -12.93
N PHE A 96 6.56 -7.57 -13.13
CA PHE A 96 7.30 -8.75 -12.70
C PHE A 96 6.74 -10.02 -13.33
N SER A 97 7.19 -10.35 -14.54
CA SER A 97 6.63 -11.43 -15.34
C SER A 97 7.11 -12.82 -14.93
N ARG A 111 1.30 -13.27 -4.65
CA ARG A 111 2.57 -13.94 -4.82
C ARG A 111 3.76 -13.00 -5.04
N LYS A 112 3.52 -11.81 -5.62
CA LYS A 112 4.59 -10.89 -5.97
C LYS A 112 4.38 -9.47 -5.49
N THR A 113 5.50 -8.74 -5.33
CA THR A 113 5.47 -7.32 -5.00
C THR A 113 6.78 -6.64 -5.38
N CYS A 114 6.74 -5.31 -5.51
CA CYS A 114 7.88 -4.53 -5.94
C CYS A 114 8.29 -3.55 -4.85
N MET A 115 9.59 -3.24 -4.80
CA MET A 115 10.11 -2.14 -4.01
C MET A 115 11.39 -1.63 -4.66
N TYR A 116 11.91 -0.51 -4.15
CA TYR A 116 13.16 0.07 -4.60
C TYR A 116 14.17 0.11 -3.45
N GLY A 117 15.43 -0.22 -3.75
CA GLY A 117 16.50 -0.15 -2.76
C GLY A 117 16.19 -0.91 -1.47
N GLY A 118 16.56 -0.32 -0.33
CA GLY A 118 16.27 -0.90 0.97
C GLY A 118 17.16 -2.09 1.32
N VAL A 119 18.35 -2.14 0.73
CA VAL A 119 19.23 -3.28 0.84
C VAL A 119 20.56 -2.87 1.47
N THR A 120 21.00 -3.64 2.46
CA THR A 120 22.27 -3.45 3.15
C THR A 120 22.91 -4.80 3.40
N GLU A 121 24.24 -4.88 3.25
CA GLU A 121 24.97 -6.08 3.65
C GLU A 121 24.64 -6.43 5.09
N HIS A 122 24.40 -7.72 5.32
CA HIS A 122 24.14 -8.22 6.66
C HIS A 122 25.42 -8.21 7.48
N ASN A 123 26.47 -8.82 6.92
CA ASN A 123 27.74 -8.99 7.60
C ASN A 123 28.41 -7.67 7.96
N GLY A 124 28.82 -7.55 9.23
CA GLY A 124 29.55 -6.39 9.71
C GLY A 124 28.70 -5.12 9.88
N ASN A 125 27.37 -5.29 9.86
CA ASN A 125 26.46 -4.16 9.91
C ASN A 125 25.44 -4.26 11.03
N GLN A 126 25.50 -5.34 11.82
CA GLN A 126 24.59 -5.57 12.93
C GLN A 126 25.09 -4.90 14.21
N LEU A 127 24.15 -4.48 15.06
CA LEU A 127 24.46 -3.90 16.35
C LEU A 127 24.09 -4.89 17.46
N ASP A 128 24.94 -4.95 18.49
CA ASP A 128 24.67 -5.75 19.66
C ASP A 128 23.25 -5.49 20.18
N LYS A 129 22.88 -4.21 20.23
CA LYS A 129 21.57 -3.78 20.68
C LYS A 129 21.02 -2.72 19.75
N TYR A 130 19.71 -2.48 19.84
CA TYR A 130 19.06 -1.50 19.00
C TYR A 130 19.54 -0.08 19.26
N ARG A 131 19.61 0.72 18.20
CA ARG A 131 20.05 2.11 18.28
C ARG A 131 18.89 3.06 18.02
N SER A 132 18.80 4.12 18.85
CA SER A 132 17.73 5.08 18.78
C SER A 132 18.15 6.36 18.05
N ILE A 133 17.27 6.87 17.19
CA ILE A 133 17.48 8.12 16.49
C ILE A 133 16.24 8.98 16.74
N THR A 134 16.45 10.19 17.27
CA THR A 134 15.35 11.05 17.65
C THR A 134 14.89 11.89 16.46
N VAL A 135 13.60 11.78 16.14
CA VAL A 135 12.97 12.64 15.16
C VAL A 135 12.46 13.91 15.85
N ARG A 136 12.84 15.07 15.31
CA ARG A 136 12.34 16.34 15.78
C ARG A 136 11.34 16.85 14.75
N VAL A 137 10.08 16.99 15.17
CA VAL A 137 8.99 17.35 14.26
C VAL A 137 8.63 18.80 14.49
N PHE A 138 8.59 19.58 13.39
CA PHE A 138 8.26 20.99 13.43
C PHE A 138 6.97 21.26 12.67
N GLU A 139 6.07 22.03 13.30
CA GLU A 139 4.85 22.50 12.67
C GLU A 139 4.90 24.02 12.58
N ASP A 140 4.99 24.53 11.35
CA ASP A 140 5.12 25.96 11.10
C ASP A 140 6.29 26.54 11.88
N GLY A 141 7.39 25.78 11.96
CA GLY A 141 8.59 26.21 12.64
C GLY A 141 8.73 25.75 14.09
N LYS A 142 7.61 25.41 14.75
CA LYS A 142 7.65 25.06 16.16
C LYS A 142 7.77 23.54 16.36
N ASN A 143 8.66 23.16 17.27
CA ASN A 143 8.83 21.76 17.65
C ASN A 143 7.75 21.36 18.67
N LEU A 144 6.70 20.70 18.18
CA LEU A 144 5.59 20.26 19.02
C LEU A 144 5.68 18.78 19.37
N LEU A 145 6.47 18.02 18.61
CA LEU A 145 6.56 16.58 18.77
C LEU A 145 7.98 16.10 18.50
N SER A 146 8.43 15.17 19.36
CA SER A 146 9.69 14.47 19.17
C SER A 146 9.41 12.99 19.47
N PHE A 147 10.09 12.11 18.73
CA PHE A 147 9.96 10.68 18.94
C PHE A 147 11.12 9.94 18.29
N ASP A 148 11.48 8.79 18.88
CA ASP A 148 12.58 7.98 18.39
C ASP A 148 12.11 6.96 17.37
N VAL A 149 12.98 6.72 16.38
CA VAL A 149 12.94 5.52 15.57
C VAL A 149 14.16 4.68 15.94
N GLN A 150 14.06 3.36 15.78
CA GLN A 150 15.15 2.44 16.08
C GLN A 150 15.52 1.55 14.90
N THR A 151 16.82 1.29 14.75
CA THR A 151 17.32 0.29 13.81
C THR A 151 18.45 -0.52 14.45
N ASN A 152 18.74 -1.68 13.87
CA ASN A 152 19.78 -2.57 14.35
C ASN A 152 21.01 -2.53 13.45
N LYS A 153 21.06 -1.53 12.56
CA LYS A 153 22.07 -1.48 11.50
C LYS A 153 23.02 -0.30 11.70
N LYS A 154 24.32 -0.52 11.47
CA LYS A 154 25.31 0.53 11.53
C LYS A 154 25.10 1.51 10.38
N LYS A 155 24.97 0.94 9.18
CA LYS A 155 24.54 1.66 7.99
C LYS A 155 23.09 1.26 7.72
N VAL A 156 22.20 2.26 7.65
CA VAL A 156 20.79 2.01 7.43
C VAL A 156 20.34 2.91 6.29
N THR A 157 19.39 2.40 5.47
CA THR A 157 18.89 3.16 4.34
C THR A 157 18.06 4.31 4.86
N ALA A 158 18.18 5.47 4.20
CA ALA A 158 17.27 6.58 4.42
C ALA A 158 15.82 6.12 4.31
N GLN A 159 15.56 5.22 3.36
CA GLN A 159 14.23 4.66 3.17
C GLN A 159 13.70 4.09 4.48
N GLU A 160 14.48 3.21 5.11
CA GLU A 160 14.05 2.55 6.34
C GLU A 160 13.67 3.59 7.38
N LEU A 161 14.52 4.59 7.58
CA LEU A 161 14.26 5.65 8.54
C LEU A 161 13.03 6.46 8.14
N ASP A 162 12.92 6.77 6.85
CA ASP A 162 11.80 7.54 6.34
C ASP A 162 10.49 6.82 6.62
N TYR A 163 10.44 5.52 6.29
CA TYR A 163 9.26 4.71 6.54
C TYR A 163 8.87 4.78 8.00
N LEU A 164 9.83 4.50 8.89
CA LEU A 164 9.59 4.47 10.32
C LEU A 164 9.03 5.79 10.83
N THR A 165 9.54 6.90 10.30
CA THR A 165 9.10 8.22 10.70
C THR A 165 7.66 8.49 10.26
N ARG A 166 7.38 8.27 8.98
CA ARG A 166 6.07 8.58 8.43
C ARG A 166 5.02 7.63 8.98
N HIS A 167 5.42 6.37 9.18
CA HIS A 167 4.53 5.36 9.75
C HIS A 167 4.03 5.84 11.11
N TYR A 168 4.93 6.39 11.92
CA TYR A 168 4.56 6.96 13.20
C TYR A 168 3.56 8.08 13.01
N LEU A 169 3.89 8.98 12.07
CA LEU A 169 3.15 10.22 11.87
C LEU A 169 1.80 10.03 11.19
N VAL A 170 1.63 8.93 10.47
CA VAL A 170 0.34 8.58 9.90
C VAL A 170 -0.63 8.19 10.99
N LYS A 171 -0.13 7.51 12.02
CA LYS A 171 -0.95 7.09 13.14
C LYS A 171 -1.37 8.31 13.95
N ASN A 172 -0.38 8.96 14.56
CA ASN A 172 -0.61 9.97 15.58
C ASN A 172 -1.20 11.26 15.00
N LYS A 173 -0.51 11.81 14.01
CA LYS A 173 -0.79 13.15 13.50
C LYS A 173 -1.56 13.16 12.18
N LYS A 174 -1.96 11.97 11.71
CA LYS A 174 -2.73 11.83 10.48
C LYS A 174 -2.04 12.51 9.30
N LEU A 175 -0.72 12.32 9.21
CA LEU A 175 0.09 12.90 8.15
C LEU A 175 -0.64 12.81 6.82
N TYR A 176 -1.19 11.62 6.54
CA TYR A 176 -1.97 11.37 5.34
C TYR A 176 -3.35 10.82 5.67
N GLU A 177 -4.35 11.25 4.89
CA GLU A 177 -5.72 10.76 5.03
C GLU A 177 -6.24 10.30 3.66
N PHE A 178 -7.48 9.78 3.65
CA PHE A 178 -8.07 9.25 2.43
C PHE A 178 -8.07 10.29 1.32
N ASN A 179 -8.49 11.49 1.61
CA ASN A 179 -8.60 12.51 0.53
C ASN A 179 -7.40 13.46 0.52
N ASN A 180 -7.01 14.02 1.66
CA ASN A 180 -5.97 15.07 1.73
C ASN A 180 -5.28 15.08 3.10
N SER A 181 -4.16 15.80 3.22
CA SER A 181 -3.48 15.96 4.52
C SER A 181 -3.83 17.24 5.28
N PRO A 182 -3.82 17.23 6.63
CA PRO A 182 -3.85 18.45 7.43
C PRO A 182 -2.73 19.43 7.10
N TYR A 183 -1.62 18.91 6.55
CA TYR A 183 -0.44 19.73 6.27
C TYR A 183 -0.33 20.10 4.79
N GLU A 184 0.04 21.36 4.54
CA GLU A 184 0.17 21.88 3.19
C GLU A 184 1.47 21.37 2.57
N THR A 185 2.58 21.52 3.29
CA THR A 185 3.87 21.03 2.85
C THR A 185 4.50 20.15 3.92
N GLY A 186 5.43 19.30 3.49
CA GLY A 186 6.21 18.49 4.40
C GLY A 186 7.47 17.97 3.73
N TYR A 187 8.62 18.12 4.40
CA TYR A 187 9.83 17.43 4.01
C TYR A 187 10.51 16.80 5.22
N ILE A 188 11.17 15.66 4.98
CA ILE A 188 11.94 14.95 5.98
C ILE A 188 13.43 15.16 5.65
N LYS A 189 14.19 15.61 6.66
CA LYS A 189 15.57 16.00 6.48
C LYS A 189 16.53 15.13 7.30
N PHE A 190 17.58 14.65 6.64
CA PHE A 190 18.59 13.81 7.28
C PHE A 190 19.90 14.58 7.40
N ILE A 191 20.38 14.74 8.65
CA ILE A 191 21.62 15.45 8.90
C ILE A 191 22.68 14.46 9.38
N GLU A 192 23.84 14.47 8.72
CA GLU A 192 25.03 13.78 9.19
C GLU A 192 26.16 14.81 9.28
N ASN A 193 26.53 15.17 10.51
CA ASN A 193 27.55 16.18 10.74
C ASN A 193 27.10 17.46 10.03
N GLU A 194 27.85 17.89 9.01
CA GLU A 194 27.52 19.08 8.24
C GLU A 194 26.54 18.75 7.12
N ASN A 195 26.79 17.64 6.41
CA ASN A 195 26.03 17.30 5.21
C ASN A 195 24.62 16.85 5.52
N SER A 196 23.69 17.17 4.60
CA SER A 196 22.29 16.82 4.74
C SER A 196 21.60 16.64 3.39
N PHE A 197 20.43 16.00 3.43
CA PHE A 197 19.54 15.90 2.27
C PHE A 197 18.11 15.71 2.77
N TRP A 198 17.16 15.87 1.85
CA TRP A 198 15.74 15.87 2.22
C TRP A 198 14.88 15.28 1.10
N TYR A 199 13.68 14.84 1.48
CA TYR A 199 12.69 14.35 0.55
C TYR A 199 11.37 15.09 0.76
N ASP A 200 10.69 15.41 -0.35
CA ASP A 200 9.35 15.98 -0.29
C ASP A 200 8.37 14.85 0.02
N MET A 201 7.58 15.05 1.07
CA MET A 201 6.67 14.04 1.59
C MET A 201 5.29 14.12 0.93
N MET A 202 5.08 15.19 0.14
CA MET A 202 3.80 15.43 -0.50
C MET A 202 3.83 15.07 -1.98
N PRO A 203 2.69 14.61 -2.54
CA PRO A 203 2.63 14.23 -3.96
C PRO A 203 2.67 15.42 -4.91
N ALA A 204 3.25 15.19 -6.09
CA ALA A 204 3.24 16.19 -7.15
C ALA A 204 1.82 16.66 -7.45
N PRO A 205 1.64 17.89 -7.97
CA PRO A 205 0.30 18.42 -8.22
C PRO A 205 -0.42 17.66 -9.32
N GLY A 206 -1.75 17.74 -9.31
CA GLY A 206 -2.60 16.98 -10.22
C GLY A 206 -3.55 16.05 -9.48
N ASP A 207 -4.32 15.26 -10.23
CA ASP A 207 -5.22 14.28 -9.66
C ASP A 207 -4.76 12.86 -9.93
N LYS A 208 -3.50 12.71 -10.33
CA LYS A 208 -2.90 11.42 -10.60
C LYS A 208 -1.68 11.25 -9.69
N PHE A 209 -1.76 10.28 -8.77
CA PHE A 209 -0.62 9.89 -7.96
C PHE A 209 -0.09 8.52 -8.40
N ASP A 210 1.16 8.50 -8.86
CA ASP A 210 1.84 7.27 -9.23
C ASP A 210 2.69 6.80 -8.05
N GLN A 211 2.25 5.70 -7.42
CA GLN A 211 2.98 5.10 -6.33
C GLN A 211 4.40 4.75 -6.76
N SER A 212 4.51 3.93 -7.80
CA SER A 212 5.78 3.44 -8.30
C SER A 212 6.76 4.58 -8.58
N LYS A 213 6.28 5.65 -9.20
CA LYS A 213 7.11 6.77 -9.58
C LYS A 213 7.65 7.46 -8.32
N TYR A 214 6.79 7.65 -7.32
CA TYR A 214 7.18 8.33 -6.10
C TYR A 214 8.26 7.59 -5.34
N LEU A 215 8.04 6.29 -5.11
CA LEU A 215 8.96 5.43 -4.39
C LEU A 215 10.30 5.26 -5.09
N MET A 216 10.34 5.58 -6.39
CA MET A 216 11.55 5.42 -7.19
C MET A 216 12.69 6.28 -6.63
N MET A 217 12.36 7.29 -5.83
CA MET A 217 13.39 8.09 -5.16
C MET A 217 14.30 7.24 -4.25
N TYR A 218 13.77 6.12 -3.76
CA TYR A 218 14.57 5.21 -2.94
C TYR A 218 15.51 4.29 -3.71
N ASN A 219 15.50 4.36 -5.04
CA ASN A 219 16.22 3.39 -5.85
C ASN A 219 17.73 3.62 -5.90
N ASP A 220 18.19 4.76 -5.36
CA ASP A 220 19.62 5.00 -5.18
C ASP A 220 20.22 4.22 -4.02
N ASN A 221 19.35 3.68 -3.17
CA ASN A 221 19.78 2.88 -2.02
C ASN A 221 20.65 3.69 -1.06
N LYS A 222 20.33 4.99 -0.93
CA LYS A 222 21.11 5.90 -0.10
C LYS A 222 21.16 5.45 1.34
N MET A 223 22.36 5.48 1.94
CA MET A 223 22.57 5.04 3.30
C MET A 223 23.08 6.17 4.19
N VAL A 224 22.90 6.01 5.50
CA VAL A 224 23.45 6.90 6.50
C VAL A 224 23.94 6.10 7.71
N ASP A 225 24.90 6.66 8.45
CA ASP A 225 25.34 6.10 9.71
C ASP A 225 24.28 6.34 10.78
N SER A 226 23.79 5.26 11.40
CA SER A 226 22.73 5.39 12.40
C SER A 226 23.18 6.07 13.69
N LYS A 227 24.50 6.10 13.94
CA LYS A 227 25.03 6.82 15.09
C LYS A 227 24.98 8.33 14.93
N ASP A 228 25.32 8.83 13.74
CA ASP A 228 25.50 10.26 13.52
C ASP A 228 24.26 10.98 13.00
N VAL A 229 23.34 10.24 12.38
CA VAL A 229 22.24 10.88 11.68
C VAL A 229 21.22 11.49 12.63
N LYS A 230 20.77 12.70 12.30
CA LYS A 230 19.65 13.33 12.98
C LYS A 230 18.52 13.46 11.95
N ILE A 231 17.27 13.38 12.42
CA ILE A 231 16.13 13.53 11.55
C ILE A 231 15.25 14.70 11.98
N GLU A 232 14.87 15.52 11.02
CA GLU A 232 13.99 16.66 11.26
C GLU A 232 12.85 16.58 10.25
N VAL A 233 11.62 16.76 10.73
CA VAL A 233 10.46 16.83 9.87
C VAL A 233 9.83 18.20 10.01
N TYR A 234 9.71 18.90 8.88
CA TYR A 234 9.16 20.25 8.82
C TYR A 234 7.82 20.19 8.09
N LEU A 235 6.73 20.45 8.83
CA LEU A 235 5.39 20.54 8.25
C LEU A 235 4.84 21.96 8.37
N THR A 236 3.98 22.35 7.42
CA THR A 236 3.20 23.56 7.53
C THR A 236 1.71 23.25 7.48
N THR A 237 0.91 24.08 8.16
CA THR A 237 -0.53 23.88 8.25
C THR A 237 -1.27 24.73 7.22
N LYS A 238 -2.61 24.68 7.28
CA LYS A 238 -3.47 25.37 6.34
C LYS A 238 -4.28 26.46 7.04
N GLN B 1 -6.11 -19.03 8.38
CA GLN B 1 -6.58 -19.08 6.99
C GLN B 1 -7.90 -18.33 6.85
N VAL B 2 -8.02 -17.56 5.76
CA VAL B 2 -9.19 -16.73 5.50
C VAL B 2 -10.35 -17.59 4.99
N GLN B 3 -11.57 -17.21 5.35
CA GLN B 3 -12.76 -17.89 4.86
C GLN B 3 -13.84 -16.88 4.51
N LEU B 4 -14.40 -17.04 3.30
CA LEU B 4 -15.52 -16.25 2.83
C LEU B 4 -16.66 -17.21 2.48
N VAL B 5 -17.83 -17.02 3.10
CA VAL B 5 -19.00 -17.84 2.84
C VAL B 5 -20.18 -16.97 2.44
N GLU B 6 -20.52 -16.99 1.14
CA GLU B 6 -21.62 -16.20 0.62
C GLU B 6 -22.96 -16.84 0.95
N SER B 7 -24.03 -16.02 0.93
CA SER B 7 -25.38 -16.52 1.08
C SER B 7 -26.39 -15.51 0.53
N GLY B 8 -27.64 -15.98 0.36
CA GLY B 8 -28.75 -15.11 -0.01
C GLY B 8 -29.14 -15.19 -1.48
N GLY B 9 -28.42 -16.03 -2.25
CA GLY B 9 -28.75 -16.29 -3.63
C GLY B 9 -30.09 -17.01 -3.76
N GLY B 10 -30.79 -16.77 -4.87
CA GLY B 10 -32.09 -17.38 -5.13
C GLY B 10 -32.55 -17.27 -6.58
N SER B 11 -33.78 -17.72 -6.83
CA SER B 11 -34.36 -17.74 -8.16
C SER B 11 -35.54 -16.77 -8.23
N VAL B 12 -35.30 -15.58 -8.78
CA VAL B 12 -36.29 -14.52 -8.74
C VAL B 12 -36.84 -14.28 -10.14
N GLN B 13 -37.69 -13.24 -10.27
CA GLN B 13 -38.22 -12.84 -11.55
C GLN B 13 -37.85 -11.40 -11.87
N ALA B 14 -37.81 -11.08 -13.17
CA ALA B 14 -37.46 -9.75 -13.65
C ALA B 14 -38.08 -8.69 -12.76
N GLY B 15 -37.26 -7.74 -12.29
CA GLY B 15 -37.70 -6.70 -11.40
C GLY B 15 -37.74 -7.08 -9.92
N GLY B 16 -37.28 -8.29 -9.59
CA GLY B 16 -37.21 -8.75 -8.20
C GLY B 16 -36.00 -8.21 -7.45
N SER B 17 -35.86 -8.63 -6.19
CA SER B 17 -34.77 -8.21 -5.32
C SER B 17 -34.15 -9.37 -4.54
N LEU B 18 -32.83 -9.32 -4.38
CA LEU B 18 -32.09 -10.23 -3.53
C LEU B 18 -31.07 -9.45 -2.71
N ARG B 19 -30.73 -9.98 -1.54
CA ARG B 19 -29.67 -9.41 -0.72
C ARG B 19 -28.64 -10.49 -0.44
N LEU B 20 -27.48 -10.37 -1.07
CA LEU B 20 -26.38 -11.27 -0.80
C LEU B 20 -25.66 -10.83 0.48
N SER B 21 -25.14 -11.83 1.22
CA SER B 21 -24.37 -11.62 2.44
C SER B 21 -23.15 -12.52 2.40
N CYS B 22 -22.03 -12.03 2.94
CA CYS B 22 -20.86 -12.86 3.10
C CYS B 22 -20.26 -12.74 4.51
N ALA B 23 -20.12 -13.90 5.17
CA ALA B 23 -19.47 -14.00 6.47
C ALA B 23 -17.97 -14.21 6.27
N ALA B 24 -17.18 -13.25 6.74
CA ALA B 24 -15.74 -13.33 6.66
C ALA B 24 -15.16 -13.76 8.01
N SER B 25 -14.19 -14.67 7.98
CA SER B 25 -13.62 -15.19 9.21
C SER B 25 -12.27 -15.86 9.01
N GLY B 26 -11.45 -15.86 10.08
CA GLY B 26 -10.22 -16.60 10.12
C GLY B 26 -8.93 -15.76 10.13
N TYR B 27 -9.07 -14.45 10.27
CA TYR B 27 -7.84 -13.63 10.14
C TYR B 27 -7.57 -12.78 11.40
N THR B 28 -8.55 -12.05 11.94
CA THR B 28 -8.42 -11.27 13.20
C THR B 28 -7.78 -9.94 12.91
N TYR B 29 -7.52 -9.64 11.64
CA TYR B 29 -6.96 -8.32 11.26
C TYR B 29 -8.02 -7.64 10.38
N SER B 30 -7.78 -6.38 10.04
CA SER B 30 -8.77 -5.64 9.28
C SER B 30 -8.55 -5.78 7.78
N MET B 31 -9.61 -6.16 7.04
CA MET B 31 -9.54 -6.28 5.60
C MET B 31 -9.69 -4.90 4.98
N TYR B 32 -8.86 -4.61 3.97
CA TYR B 32 -8.89 -3.30 3.32
C TYR B 32 -10.02 -3.23 2.31
N CYS B 33 -10.07 -4.23 1.43
CA CYS B 33 -11.06 -4.31 0.35
C CYS B 33 -11.99 -5.48 0.55
N MET B 34 -13.27 -5.27 0.20
CA MET B 34 -14.22 -6.36 0.06
C MET B 34 -15.10 -6.02 -1.14
N GLY B 35 -15.41 -7.05 -1.94
CA GLY B 35 -16.10 -6.86 -3.21
C GLY B 35 -16.96 -8.05 -3.64
N TRP B 36 -17.79 -7.81 -4.65
CA TRP B 36 -18.65 -8.84 -5.22
C TRP B 36 -18.32 -9.02 -6.70
N PHE B 37 -18.08 -10.27 -7.10
CA PHE B 37 -17.84 -10.62 -8.48
C PHE B 37 -18.90 -11.62 -8.94
N ARG B 38 -19.05 -11.77 -10.26
CA ARG B 38 -19.97 -12.74 -10.81
C ARG B 38 -19.41 -13.36 -12.09
N GLN B 39 -19.81 -14.60 -12.34
CA GLN B 39 -19.35 -15.35 -13.50
C GLN B 39 -20.47 -16.29 -13.93
N ALA B 40 -20.82 -16.24 -15.21
CA ALA B 40 -21.75 -17.20 -15.80
C ALA B 40 -20.95 -18.27 -16.53
N PRO B 41 -21.57 -19.42 -16.89
CA PRO B 41 -20.93 -20.39 -17.77
C PRO B 41 -20.62 -19.76 -19.13
N GLY B 42 -19.39 -19.95 -19.60
CA GLY B 42 -18.92 -19.34 -20.83
C GLY B 42 -18.13 -18.03 -20.62
N LYS B 43 -18.73 -17.09 -19.87
CA LYS B 43 -18.17 -15.76 -19.72
C LYS B 43 -17.14 -15.68 -18.59
N GLU B 44 -16.19 -14.76 -18.75
CA GLU B 44 -15.12 -14.56 -17.77
C GLU B 44 -15.67 -13.85 -16.54
N ARG B 45 -14.95 -14.02 -15.41
CA ARG B 45 -15.38 -13.46 -14.14
C ARG B 45 -15.31 -11.94 -14.16
N GLU B 46 -16.37 -11.30 -13.65
CA GLU B 46 -16.52 -9.85 -13.72
C GLU B 46 -16.77 -9.28 -12.33
N GLY B 47 -16.04 -8.20 -12.01
CA GLY B 47 -16.27 -7.44 -10.78
C GLY B 47 -17.49 -6.53 -10.88
N VAL B 48 -18.31 -6.55 -9.83
CA VAL B 48 -19.60 -5.89 -9.83
C VAL B 48 -19.60 -4.67 -8.91
N ALA B 49 -19.19 -4.88 -7.66
CA ALA B 49 -19.14 -3.83 -6.66
C ALA B 49 -17.94 -3.99 -5.71
N GLY B 50 -17.47 -2.86 -5.19
CA GLY B 50 -16.36 -2.86 -4.24
C GLY B 50 -16.54 -1.81 -3.14
N ILE B 51 -15.98 -2.10 -1.97
CA ILE B 51 -15.98 -1.15 -0.86
C ILE B 51 -14.67 -1.27 -0.11
N CYS B 52 -13.96 -0.15 0.02
CA CYS B 52 -12.60 -0.14 0.52
C CYS B 52 -12.43 0.98 1.53
N ALA B 53 -11.43 0.82 2.41
CA ALA B 53 -11.01 1.86 3.35
C ALA B 53 -12.15 2.37 4.22
N ASN B 54 -12.74 1.48 5.02
CA ASN B 54 -13.84 1.82 5.91
C ASN B 54 -14.97 2.49 5.14
N GLY B 55 -15.28 1.97 3.95
CA GLY B 55 -16.40 2.45 3.17
C GLY B 55 -16.20 3.79 2.45
N LYS B 56 -14.98 4.31 2.44
CA LYS B 56 -14.69 5.59 1.79
C LYS B 56 -14.65 5.51 0.26
N ALA B 57 -14.41 4.32 -0.28
CA ALA B 57 -14.25 4.15 -1.72
C ALA B 57 -15.16 3.03 -2.24
N ILE B 58 -16.30 3.42 -2.81
CA ILE B 58 -17.24 2.47 -3.39
C ILE B 58 -17.21 2.61 -4.91
N HIS B 59 -17.07 1.47 -5.61
CA HIS B 59 -17.10 1.44 -7.05
C HIS B 59 -18.09 0.38 -7.54
N TYR B 60 -18.73 0.68 -8.69
CA TYR B 60 -19.68 -0.24 -9.31
C TYR B 60 -19.34 -0.37 -10.80
N VAL B 61 -19.62 -1.55 -11.37
CA VAL B 61 -19.60 -1.73 -12.81
C VAL B 61 -20.84 -1.02 -13.38
N ASP B 62 -20.70 -0.48 -14.59
CA ASP B 62 -21.74 0.37 -15.17
C ASP B 62 -23.11 -0.29 -15.27
N SER B 63 -23.12 -1.58 -15.61
CA SER B 63 -24.37 -2.30 -15.84
C SER B 63 -25.21 -2.55 -14.58
N VAL B 64 -24.63 -2.28 -13.40
CA VAL B 64 -25.37 -2.42 -12.15
C VAL B 64 -25.50 -1.12 -11.37
N LYS B 65 -25.00 -0.01 -11.92
CA LYS B 65 -25.12 1.26 -11.25
C LYS B 65 -26.60 1.59 -11.05
N GLY B 66 -26.96 1.93 -9.81
CA GLY B 66 -28.32 2.36 -9.48
C GLY B 66 -29.24 1.22 -9.10
N ARG B 67 -28.82 -0.02 -9.39
CA ARG B 67 -29.61 -1.21 -9.10
C ARG B 67 -29.04 -1.97 -7.91
N PHE B 68 -27.70 -2.02 -7.83
CA PHE B 68 -27.03 -2.75 -6.76
C PHE B 68 -26.41 -1.77 -5.77
N THR B 69 -26.35 -2.18 -4.50
CA THR B 69 -25.69 -1.38 -3.48
C THR B 69 -24.85 -2.33 -2.63
N ILE B 70 -23.54 -2.06 -2.57
CA ILE B 70 -22.65 -2.75 -1.66
C ILE B 70 -22.64 -1.98 -0.34
N SER B 71 -22.58 -2.71 0.77
CA SER B 71 -22.48 -2.10 2.08
C SER B 71 -21.77 -3.06 3.04
N GLN B 72 -21.48 -2.55 4.24
CA GLN B 72 -20.58 -3.21 5.16
C GLN B 72 -21.08 -2.96 6.59
N ASP B 73 -20.96 -3.97 7.45
CA ASP B 73 -21.06 -3.76 8.87
C ASP B 73 -19.75 -4.26 9.48
N ASN B 74 -18.99 -3.32 10.05
CA ASN B 74 -17.72 -3.64 10.68
C ASN B 74 -17.92 -4.42 11.97
N ALA B 75 -19.02 -4.12 12.68
CA ALA B 75 -19.41 -4.85 13.88
C ALA B 75 -19.52 -6.35 13.63
N LYS B 76 -20.16 -6.72 12.51
CA LYS B 76 -20.36 -8.11 12.14
C LYS B 76 -19.21 -8.69 11.29
N ASN B 77 -18.43 -7.81 10.65
CA ASN B 77 -17.50 -8.20 9.60
C ASN B 77 -18.23 -8.97 8.51
N THR B 78 -19.35 -8.39 8.05
CA THR B 78 -20.12 -8.91 6.95
C THR B 78 -20.15 -7.86 5.85
N VAL B 79 -20.18 -8.33 4.59
CA VAL B 79 -20.41 -7.45 3.46
C VAL B 79 -21.68 -7.91 2.76
N TYR B 80 -22.46 -6.93 2.26
CA TYR B 80 -23.78 -7.17 1.71
C TYR B 80 -23.83 -6.66 0.28
N LEU B 81 -24.75 -7.24 -0.52
CA LEU B 81 -25.06 -6.71 -1.84
C LEU B 81 -26.57 -6.71 -2.04
N GLN B 82 -27.16 -5.52 -1.88
CA GLN B 82 -28.57 -5.30 -2.16
C GLN B 82 -28.75 -5.22 -3.68
N MET B 83 -29.42 -6.24 -4.23
CA MET B 83 -29.60 -6.40 -5.66
C MET B 83 -31.05 -6.12 -6.04
N ASN B 84 -31.32 -4.88 -6.47
CA ASN B 84 -32.66 -4.50 -6.89
C ASN B 84 -32.79 -4.46 -8.42
N SER B 85 -34.05 -4.45 -8.89
CA SER B 85 -34.36 -4.36 -10.31
C SER B 85 -33.63 -5.41 -11.15
N LEU B 86 -33.68 -6.66 -10.71
CA LEU B 86 -32.87 -7.71 -11.29
C LEU B 86 -33.33 -8.04 -12.71
N LYS B 87 -32.38 -8.48 -13.54
CA LYS B 87 -32.62 -8.79 -14.94
C LYS B 87 -32.05 -10.15 -15.27
N PRO B 88 -32.53 -10.84 -16.33
CA PRO B 88 -31.94 -12.11 -16.77
C PRO B 88 -30.42 -12.03 -16.93
N GLU B 89 -29.95 -10.89 -17.44
CA GLU B 89 -28.52 -10.61 -17.57
C GLU B 89 -27.71 -10.81 -16.30
N ASP B 90 -28.37 -10.65 -15.14
CA ASP B 90 -27.70 -10.76 -13.86
C ASP B 90 -27.56 -12.21 -13.37
N THR B 91 -28.15 -13.16 -14.10
CA THR B 91 -28.02 -14.57 -13.78
C THR B 91 -26.54 -14.97 -13.79
N ALA B 92 -26.08 -15.59 -12.68
CA ALA B 92 -24.68 -16.00 -12.53
C ALA B 92 -24.40 -16.57 -11.13
N MET B 93 -23.21 -17.15 -10.98
CA MET B 93 -22.64 -17.45 -9.67
C MET B 93 -22.00 -16.18 -9.12
N TYR B 94 -22.45 -15.74 -7.93
CA TYR B 94 -21.90 -14.54 -7.33
C TYR B 94 -20.90 -14.91 -6.23
N TYR B 95 -19.72 -14.27 -6.30
CA TYR B 95 -18.60 -14.56 -5.43
C TYR B 95 -18.25 -13.33 -4.62
N CYS B 96 -17.96 -13.52 -3.34
CA CYS B 96 -17.39 -12.47 -2.51
C CYS B 96 -15.88 -12.62 -2.51
N ALA B 97 -15.18 -11.48 -2.63
CA ALA B 97 -13.73 -11.45 -2.61
C ALA B 97 -13.25 -10.46 -1.56
N ALA B 98 -12.03 -10.68 -1.06
CA ALA B 98 -11.42 -9.79 -0.09
C ALA B 98 -9.93 -9.59 -0.35
N ASP B 99 -9.37 -8.53 0.22
CA ASP B 99 -7.97 -8.19 0.02
C ASP B 99 -7.44 -7.32 1.16
N SER B 100 -6.20 -7.56 1.55
CA SER B 100 -5.55 -6.81 2.63
C SER B 100 -4.56 -5.77 2.11
N ARG B 101 -4.43 -5.64 0.79
CA ARG B 101 -3.51 -4.68 0.19
C ARG B 101 -4.23 -3.36 -0.05
N GLY B 102 -3.55 -2.25 0.29
CA GLY B 102 -4.17 -0.93 0.27
C GLY B 102 -4.10 -0.21 -1.08
N GLY B 103 -4.84 0.90 -1.17
CA GLY B 103 -4.86 1.72 -2.36
C GLY B 103 -6.13 1.60 -3.19
N ILE B 104 -6.38 2.63 -4.01
CA ILE B 104 -7.44 2.64 -5.00
C ILE B 104 -6.76 2.55 -6.36
N TRP B 105 -6.79 1.36 -6.97
CA TRP B 105 -6.04 1.07 -8.18
C TRP B 105 -6.86 1.49 -9.40
N TYR B 106 -6.59 2.70 -9.90
CA TYR B 106 -7.37 3.27 -11.00
C TYR B 106 -7.67 2.23 -12.08
N GLU B 107 -8.97 2.01 -12.34
CA GLU B 107 -9.43 1.15 -13.42
C GLU B 107 -9.17 -0.34 -13.19
N GLN B 108 -8.28 -0.67 -12.25
CA GLN B 108 -8.08 -2.06 -11.85
C GLN B 108 -8.77 -2.39 -10.53
N GLN B 109 -9.62 -1.47 -10.05
CA GLN B 109 -10.17 -1.57 -8.71
C GLN B 109 -11.28 -2.63 -8.59
N LEU B 110 -11.87 -3.00 -9.73
CA LEU B 110 -12.86 -4.08 -9.76
C LEU B 110 -12.41 -5.27 -10.59
N SER B 111 -11.10 -5.38 -10.84
CA SER B 111 -10.56 -6.54 -11.53
C SER B 111 -10.27 -7.65 -10.51
N THR B 112 -10.23 -8.90 -10.99
CA THR B 112 -9.91 -10.04 -10.15
C THR B 112 -8.51 -9.92 -9.54
N LEU B 113 -7.60 -9.25 -10.24
CA LEU B 113 -6.27 -8.97 -9.73
C LEU B 113 -6.28 -8.27 -8.37
N ARG B 114 -7.27 -7.39 -8.17
CA ARG B 114 -7.35 -6.58 -6.97
C ARG B 114 -7.55 -7.41 -5.70
N TYR B 115 -8.07 -8.64 -5.85
CA TYR B 115 -8.41 -9.47 -4.70
C TYR B 115 -7.70 -10.83 -4.71
N ASN B 116 -7.21 -11.22 -3.52
CA ASN B 116 -6.49 -12.49 -3.34
C ASN B 116 -7.32 -13.58 -2.69
N TYR B 117 -8.36 -13.20 -1.91
CA TYR B 117 -9.17 -14.17 -1.19
C TYR B 117 -10.57 -14.26 -1.82
N TRP B 118 -11.14 -15.47 -1.81
CA TRP B 118 -12.36 -15.75 -2.55
C TRP B 118 -13.21 -16.82 -1.87
N GLY B 119 -14.53 -16.64 -1.91
CA GLY B 119 -15.47 -17.67 -1.48
C GLY B 119 -15.79 -18.64 -2.60
N GLN B 120 -16.70 -19.59 -2.32
CA GLN B 120 -17.12 -20.59 -3.31
C GLN B 120 -18.35 -20.14 -4.10
N GLY B 121 -19.00 -19.07 -3.64
CA GLY B 121 -20.04 -18.40 -4.38
C GLY B 121 -21.46 -18.85 -4.03
N THR B 122 -22.44 -18.06 -4.51
CA THR B 122 -23.85 -18.38 -4.39
C THR B 122 -24.53 -18.12 -5.73
N GLN B 123 -25.37 -19.06 -6.17
CA GLN B 123 -26.04 -18.97 -7.47
C GLN B 123 -27.15 -17.93 -7.39
N VAL B 124 -27.23 -17.11 -8.44
CA VAL B 124 -28.35 -16.21 -8.64
C VAL B 124 -28.99 -16.55 -9.98
N THR B 125 -30.34 -16.50 -10.00
CA THR B 125 -31.11 -16.82 -11.19
C THR B 125 -32.20 -15.77 -11.35
N VAL B 126 -32.37 -15.28 -12.59
CA VAL B 126 -33.40 -14.31 -12.89
C VAL B 126 -34.14 -14.75 -14.15
N SER B 127 -35.44 -15.00 -14.00
CA SER B 127 -36.28 -15.48 -15.08
C SER B 127 -37.18 -14.37 -15.62
N SER B 128 -37.23 -14.26 -16.95
CA SER B 128 -38.06 -13.28 -17.63
C SER B 128 -39.50 -13.24 -17.11
#